data_2AXP
#
_entry.id   2AXP
#
_cell.length_a   90.847
_cell.length_b   99.944
_cell.length_c   78.344
_cell.angle_alpha   90.00
_cell.angle_beta   125.29
_cell.angle_gamma   90.00
#
_symmetry.space_group_name_H-M   'C 1 2 1'
#
loop_
_entity.id
_entity.type
_entity.pdbx_description
1 polymer 'hypothetical protein BSU20280'
2 water water
#
_entity_poly.entity_id   1
_entity_poly.type   'polypeptide(L)'
_entity_poly.pdbx_seq_one_letter_code
;(MSE)TLIILEGPDCCFKSTVAAKLSKELKYPIIKGSSFELAKSGNEKLFEHFNKLADEDNVIIDRFVYSNLVYAKKFKD
YSILTERQLRFIEDKIKAKAKVVYLHADPSVIKKRLRVRGDEYIEGKDIDSILELYREV(MSE)SNAGLHTYSWDTGQWS
SDEIAKDIIFLVELEHHHHHH
;
_entity_poly.pdbx_strand_id   A,B
#
# COMPACT_ATOMS: atom_id res chain seq x y z
N THR A 2 -13.59 26.94 11.14
CA THR A 2 -14.02 26.01 10.06
C THR A 2 -13.26 24.68 10.11
N LEU A 3 -13.97 23.58 9.85
CA LEU A 3 -13.33 22.27 9.85
C LEU A 3 -13.06 21.85 8.40
N ILE A 4 -11.78 21.82 8.04
CA ILE A 4 -11.38 21.45 6.69
C ILE A 4 -11.04 19.96 6.68
N ILE A 5 -11.76 19.22 5.85
CA ILE A 5 -11.54 17.78 5.73
C ILE A 5 -10.97 17.44 4.37
N LEU A 6 -9.77 16.88 4.35
CA LEU A 6 -9.13 16.52 3.09
C LEU A 6 -9.22 15.02 2.75
N GLU A 7 -9.83 14.67 1.63
CA GLU A 7 -9.91 13.26 1.24
C GLU A 7 -9.40 13.01 -0.19
N GLY A 8 -8.93 11.78 -0.42
CA GLY A 8 -8.44 11.43 -1.72
C GLY A 8 -7.26 10.49 -1.64
N PRO A 9 -6.85 9.94 -2.80
CA PRO A 9 -5.72 9.00 -2.94
C PRO A 9 -4.39 9.66 -2.75
N ASP A 10 -3.36 8.82 -2.63
CA ASP A 10 -1.98 9.29 -2.47
C ASP A 10 -1.52 10.01 -3.72
N CYS A 11 -0.32 10.54 -3.64
CA CYS A 11 0.28 11.21 -4.77
C CYS A 11 -0.56 12.34 -5.33
N CYS A 12 -1.37 12.96 -4.48
CA CYS A 12 -2.18 14.07 -4.92
C CYS A 12 -1.86 15.31 -4.11
N PHE A 13 -0.70 15.33 -3.46
CA PHE A 13 -0.26 16.49 -2.69
C PHE A 13 -1.17 16.92 -1.53
N LYS A 14 -1.89 15.95 -0.98
CA LYS A 14 -2.79 16.21 0.12
C LYS A 14 -1.99 16.79 1.29
N SER A 15 -0.88 16.15 1.63
CA SER A 15 -0.07 16.62 2.73
C SER A 15 0.55 17.97 2.43
N THR A 16 0.75 18.30 1.16
CA THR A 16 1.35 19.59 0.85
C THR A 16 0.28 20.67 0.91
N VAL A 17 -0.90 20.36 0.42
CA VAL A 17 -2.00 21.32 0.44
C VAL A 17 -2.39 21.61 1.89
N ALA A 18 -2.21 20.61 2.75
CA ALA A 18 -2.54 20.76 4.15
C ALA A 18 -1.55 21.70 4.82
N ALA A 19 -0.27 21.50 4.52
CA ALA A 19 0.79 22.34 5.08
C ALA A 19 0.53 23.83 4.83
N LYS A 20 0.19 24.15 3.59
CA LYS A 20 -0.07 25.52 3.18
C LYS A 20 -1.30 26.07 3.88
N LEU A 21 -2.39 25.32 3.83
CA LEU A 21 -3.63 25.73 4.48
C LEU A 21 -3.38 26.06 5.97
N SER A 22 -2.55 25.24 6.62
CA SER A 22 -2.23 25.43 8.02
C SER A 22 -1.46 26.70 8.25
N LYS A 23 -0.41 26.90 7.45
CA LYS A 23 0.44 28.08 7.55
C LYS A 23 -0.39 29.36 7.39
N GLU A 24 -1.33 29.34 6.46
CA GLU A 24 -2.16 30.51 6.20
C GLU A 24 -3.29 30.67 7.21
N LEU A 25 -4.26 29.76 7.17
CA LEU A 25 -5.42 29.82 8.07
C LEU A 25 -5.06 29.60 9.54
N LYS A 26 -3.81 29.27 9.84
CA LYS A 26 -3.44 29.03 11.22
C LYS A 26 -4.33 27.92 11.86
N TYR A 27 -4.51 26.82 11.13
CA TYR A 27 -5.29 25.69 11.62
C TYR A 27 -4.32 24.54 11.84
N PRO A 28 -4.46 23.82 12.96
CA PRO A 28 -3.56 22.69 13.25
C PRO A 28 -3.90 21.53 12.30
N ILE A 29 -2.98 20.57 12.14
CA ILE A 29 -3.29 19.45 11.28
C ILE A 29 -3.49 18.16 12.07
N ILE A 30 -4.55 17.43 11.72
CA ILE A 30 -4.89 16.15 12.34
C ILE A 30 -5.17 15.08 11.28
N LYS A 31 -4.59 13.90 11.47
CA LYS A 31 -4.77 12.77 10.54
C LYS A 31 -5.95 11.94 11.00
N GLY A 32 -7.04 12.00 10.24
CA GLY A 32 -8.23 11.24 10.62
C GLY A 32 -8.06 9.73 10.66
N SER A 33 -7.92 9.12 9.48
CA SER A 33 -7.77 7.68 9.37
C SER A 33 -6.96 7.11 10.53
N SER A 34 -7.33 5.91 10.98
CA SER A 34 -6.65 5.24 12.08
C SER A 34 -6.58 3.74 11.78
N PHE A 35 -5.47 3.30 11.19
CA PHE A 35 -5.30 1.89 10.85
C PHE A 35 -5.47 1.02 12.08
N GLU A 36 -4.79 1.39 13.16
CA GLU A 36 -4.88 0.68 14.43
C GLU A 36 -6.33 0.54 14.90
N LEU A 37 -7.01 1.68 15.04
CA LEU A 37 -8.40 1.72 15.50
C LEU A 37 -9.40 1.16 14.49
N ALA A 38 -9.06 1.22 13.20
CA ALA A 38 -9.97 0.71 12.16
C ALA A 38 -9.97 -0.82 12.19
N LYS A 39 -9.05 -1.38 12.96
CA LYS A 39 -8.94 -2.84 13.10
C LYS A 39 -9.65 -3.26 14.37
N SER A 40 -9.28 -2.63 15.49
CA SER A 40 -9.87 -2.95 16.77
C SER A 40 -11.36 -3.28 16.67
N GLY A 41 -12.17 -2.27 16.36
CA GLY A 41 -13.60 -2.51 16.23
C GLY A 41 -14.40 -1.30 15.80
N ASN A 42 -15.58 -1.55 15.24
CA ASN A 42 -16.44 -0.48 14.78
C ASN A 42 -16.79 0.54 15.83
N GLU A 43 -17.04 0.06 17.05
CA GLU A 43 -17.39 0.94 18.15
C GLU A 43 -16.26 1.93 18.46
N LYS A 44 -15.08 1.44 18.81
CA LYS A 44 -13.99 2.36 19.12
C LYS A 44 -13.63 3.23 17.91
N LEU A 45 -13.98 2.78 16.71
CA LEU A 45 -13.71 3.53 15.49
C LEU A 45 -14.67 4.72 15.40
N PHE A 46 -15.95 4.46 15.62
CA PHE A 46 -16.96 5.49 15.58
C PHE A 46 -16.68 6.50 16.69
N GLU A 47 -16.26 6.01 17.84
CA GLU A 47 -15.96 6.92 18.94
C GLU A 47 -14.84 7.85 18.52
N HIS A 48 -13.94 7.34 17.67
CA HIS A 48 -12.81 8.11 17.19
C HIS A 48 -13.27 9.32 16.36
N PHE A 49 -13.91 9.06 15.22
CA PHE A 49 -14.36 10.15 14.39
C PHE A 49 -15.28 11.10 15.14
N ASN A 50 -16.08 10.56 16.05
CA ASN A 50 -16.98 11.40 16.82
C ASN A 50 -16.19 12.44 17.61
N LYS A 51 -15.04 12.03 18.15
CA LYS A 51 -14.19 12.92 18.91
C LYS A 51 -13.62 14.00 18.00
N LEU A 52 -13.35 13.63 16.76
CA LEU A 52 -12.79 14.60 15.82
C LEU A 52 -13.88 15.53 15.33
N ALA A 53 -15.12 15.04 15.27
CA ALA A 53 -16.22 15.86 14.78
C ALA A 53 -16.50 17.06 15.68
N ASP A 54 -15.83 17.13 16.83
CA ASP A 54 -16.02 18.23 17.76
C ASP A 54 -14.99 19.34 17.55
N GLU A 55 -13.79 18.97 17.11
CA GLU A 55 -12.74 19.96 16.87
C GLU A 55 -13.21 20.95 15.80
N ASP A 56 -12.62 22.14 15.81
CA ASP A 56 -12.97 23.15 14.82
C ASP A 56 -11.72 23.96 14.55
N ASN A 57 -11.71 24.65 13.41
CA ASN A 57 -10.56 25.45 13.02
C ASN A 57 -9.31 24.57 12.92
N VAL A 58 -9.47 23.46 12.21
CA VAL A 58 -8.39 22.51 12.00
C VAL A 58 -8.56 21.81 10.68
N ILE A 59 -7.48 21.16 10.26
CA ILE A 59 -7.49 20.43 9.01
C ILE A 59 -7.28 18.94 9.29
N ILE A 60 -8.21 18.14 8.80
CA ILE A 60 -8.12 16.71 8.99
C ILE A 60 -7.72 16.04 7.69
N ASP A 61 -6.56 15.40 7.72
CA ASP A 61 -6.04 14.70 6.57
C ASP A 61 -6.66 13.30 6.66
N ARG A 62 -7.68 13.09 5.81
CA ARG A 62 -8.45 11.84 5.72
C ARG A 62 -9.46 11.65 6.88
N PHE A 63 -10.73 11.48 6.54
CA PHE A 63 -11.72 11.35 7.58
C PHE A 63 -12.62 10.17 7.29
N VAL A 64 -13.87 10.27 7.68
CA VAL A 64 -14.76 9.16 7.47
C VAL A 64 -14.82 8.67 6.03
N TYR A 65 -14.91 9.59 5.08
CA TYR A 65 -15.00 9.19 3.69
C TYR A 65 -13.84 8.29 3.29
N SER A 66 -12.65 8.56 3.81
CA SER A 66 -11.50 7.74 3.48
C SER A 66 -11.68 6.33 4.02
N ASN A 67 -12.16 6.22 5.26
CA ASN A 67 -12.42 4.92 5.87
C ASN A 67 -13.47 4.16 5.07
N LEU A 68 -14.48 4.89 4.60
CA LEU A 68 -15.54 4.29 3.81
C LEU A 68 -15.03 3.83 2.45
N VAL A 69 -13.71 3.85 2.28
CA VAL A 69 -13.08 3.45 1.03
C VAL A 69 -12.03 2.39 1.30
N TYR A 70 -11.03 2.73 2.10
CA TYR A 70 -9.99 1.78 2.40
C TYR A 70 -10.51 0.55 3.15
N ALA A 71 -11.74 0.61 3.63
CA ALA A 71 -12.31 -0.52 4.36
C ALA A 71 -12.65 -1.67 3.42
N LYS A 72 -13.02 -1.32 2.19
CA LYS A 72 -13.37 -2.30 1.17
C LYS A 72 -12.10 -2.81 0.52
N LYS A 73 -10.99 -2.80 1.25
CA LYS A 73 -9.74 -3.27 0.68
C LYS A 73 -8.89 -4.07 1.64
N PHE A 74 -8.90 -3.71 2.91
CA PHE A 74 -8.11 -4.41 3.90
C PHE A 74 -8.96 -5.31 4.80
N LYS A 75 -8.44 -6.50 5.08
CA LYS A 75 -9.14 -7.45 5.94
C LYS A 75 -9.13 -6.93 7.37
N ASP A 76 -10.13 -7.32 8.15
CA ASP A 76 -10.24 -6.88 9.53
C ASP A 76 -10.14 -5.36 9.60
N TYR A 77 -11.04 -4.70 8.88
CA TYR A 77 -11.08 -3.24 8.81
C TYR A 77 -12.53 -2.79 8.98
N SER A 78 -12.81 -2.07 10.07
CA SER A 78 -14.16 -1.60 10.34
C SER A 78 -14.58 -0.46 9.43
N ILE A 79 -15.89 -0.29 9.29
CA ILE A 79 -16.45 0.76 8.46
C ILE A 79 -17.58 1.42 9.25
N LEU A 80 -17.86 2.69 8.93
CA LEU A 80 -18.94 3.38 9.62
C LEU A 80 -20.23 3.00 8.90
N THR A 81 -21.29 2.87 9.69
CA THR A 81 -22.61 2.51 9.17
C THR A 81 -23.21 3.80 8.63
N GLU A 82 -24.18 3.67 7.74
CA GLU A 82 -24.81 4.85 7.15
C GLU A 82 -25.36 5.80 8.21
N ARG A 83 -25.96 5.24 9.26
CA ARG A 83 -26.51 6.03 10.35
C ARG A 83 -25.37 6.76 11.06
N GLN A 84 -24.28 6.05 11.32
CA GLN A 84 -23.13 6.66 11.99
C GLN A 84 -22.49 7.76 11.17
N LEU A 85 -22.59 7.64 9.86
CA LEU A 85 -22.01 8.64 8.99
C LEU A 85 -22.85 9.91 9.08
N ARG A 86 -24.14 9.76 8.79
CA ARG A 86 -25.08 10.89 8.81
C ARG A 86 -25.06 11.58 10.18
N PHE A 87 -24.74 10.81 11.21
CA PHE A 87 -24.65 11.35 12.55
C PHE A 87 -23.49 12.32 12.60
N ILE A 88 -22.34 11.88 12.12
CA ILE A 88 -21.13 12.70 12.11
C ILE A 88 -21.28 13.88 11.14
N GLU A 89 -21.85 13.64 9.96
CA GLU A 89 -22.03 14.72 9.02
C GLU A 89 -22.94 15.80 9.62
N ASP A 90 -23.91 15.39 10.43
CA ASP A 90 -24.85 16.30 11.07
C ASP A 90 -24.12 17.19 12.05
N LYS A 91 -23.21 16.61 12.83
CA LYS A 91 -22.45 17.37 13.81
C LYS A 91 -21.46 18.35 13.20
N ILE A 92 -21.16 18.17 11.91
CA ILE A 92 -20.19 19.02 11.23
C ILE A 92 -20.79 19.79 10.04
N LYS A 93 -22.02 19.48 9.68
CA LYS A 93 -22.69 20.13 8.55
C LYS A 93 -22.50 21.65 8.47
N ALA A 94 -22.40 22.31 9.61
CA ALA A 94 -22.28 23.76 9.61
C ALA A 94 -20.87 24.29 9.62
N LYS A 95 -19.92 23.47 10.04
CA LYS A 95 -18.54 23.87 10.12
C LYS A 95 -17.62 23.03 9.25
N ALA A 96 -18.16 22.41 8.21
CA ALA A 96 -17.33 21.53 7.41
C ALA A 96 -17.12 21.89 5.95
N LYS A 97 -15.88 21.75 5.51
CA LYS A 97 -15.49 21.97 4.10
C LYS A 97 -14.82 20.65 3.72
N VAL A 98 -15.54 19.85 2.95
CA VAL A 98 -15.03 18.57 2.53
C VAL A 98 -14.27 18.76 1.22
N VAL A 99 -12.98 18.49 1.27
CA VAL A 99 -12.14 18.64 0.11
C VAL A 99 -11.66 17.31 -0.45
N TYR A 100 -11.83 17.16 -1.75
CA TYR A 100 -11.42 15.97 -2.43
C TYR A 100 -10.37 16.27 -3.52
N LEU A 101 -9.14 15.89 -3.23
CA LEU A 101 -8.02 16.07 -4.13
C LEU A 101 -7.77 14.74 -4.85
N HIS A 102 -7.84 14.75 -6.18
CA HIS A 102 -7.63 13.56 -6.98
C HIS A 102 -6.79 13.86 -8.23
N ALA A 103 -6.77 12.90 -9.17
CA ALA A 103 -6.04 13.02 -10.44
C ALA A 103 -6.43 11.82 -11.29
N ASP A 104 -6.14 11.88 -12.59
CA ASP A 104 -6.46 10.76 -13.49
C ASP A 104 -5.61 9.54 -13.12
N PRO A 105 -6.15 8.33 -13.34
CA PRO A 105 -5.50 7.05 -13.04
C PRO A 105 -4.11 6.99 -13.66
N SER A 106 -4.03 7.40 -14.91
CA SER A 106 -2.78 7.40 -15.63
C SER A 106 -1.79 8.29 -14.92
N VAL A 107 -2.21 9.50 -14.55
CA VAL A 107 -1.31 10.40 -13.85
C VAL A 107 -0.86 9.82 -12.50
N ILE A 108 -1.78 9.23 -11.76
CA ILE A 108 -1.40 8.68 -10.45
C ILE A 108 -0.39 7.55 -10.55
N LYS A 109 -0.60 6.64 -11.49
CA LYS A 109 0.35 5.52 -11.67
C LYS A 109 1.71 6.11 -12.05
N LYS A 110 1.69 7.13 -12.91
CA LYS A 110 2.93 7.77 -13.32
C LYS A 110 3.65 8.32 -12.07
N ARG A 111 2.93 9.00 -11.19
CA ARG A 111 3.56 9.57 -9.98
C ARG A 111 4.03 8.47 -9.05
N LEU A 112 3.29 7.36 -9.04
CA LEU A 112 3.63 6.20 -8.22
C LEU A 112 4.92 5.62 -8.76
N ARG A 113 4.99 5.44 -10.08
CA ARG A 113 6.20 4.91 -10.68
C ARG A 113 7.37 5.83 -10.38
N VAL A 114 7.14 7.13 -10.49
CA VAL A 114 8.18 8.09 -10.21
C VAL A 114 8.70 7.98 -8.78
N ARG A 115 7.81 7.62 -7.86
CA ARG A 115 8.19 7.48 -6.46
C ARG A 115 8.89 6.16 -6.19
N GLY A 116 8.63 5.16 -7.04
CA GLY A 116 9.31 3.88 -6.88
C GLY A 116 8.62 2.74 -6.18
N ASP A 117 7.30 2.59 -6.38
CA ASP A 117 6.57 1.51 -5.74
C ASP A 117 6.86 0.17 -6.40
N GLU A 118 6.78 -0.90 -5.61
CA GLU A 118 7.02 -2.25 -6.11
C GLU A 118 5.75 -3.10 -6.08
N TYR A 119 4.81 -2.72 -5.22
CA TYR A 119 3.54 -3.43 -5.07
C TYR A 119 2.49 -2.80 -5.99
N ILE A 120 2.88 -1.69 -6.63
CA ILE A 120 2.01 -0.97 -7.54
C ILE A 120 1.18 -1.92 -8.40
N GLU A 121 -0.07 -2.12 -8.01
CA GLU A 121 -0.94 -3.02 -8.76
C GLU A 121 -0.91 -2.69 -10.25
N GLY A 122 -1.63 -1.63 -10.62
CA GLY A 122 -1.71 -1.19 -12.01
C GLY A 122 -3.14 -0.91 -12.47
N LYS A 123 -4.11 -1.33 -11.66
CA LYS A 123 -5.53 -1.14 -11.96
C LYS A 123 -6.29 -0.92 -10.65
N ASP A 124 -5.69 -1.35 -9.55
CA ASP A 124 -6.33 -1.18 -8.25
C ASP A 124 -6.59 0.31 -8.00
N ILE A 125 -5.74 1.14 -8.60
CA ILE A 125 -5.88 2.58 -8.45
C ILE A 125 -7.23 2.95 -9.06
N ASP A 126 -7.50 2.41 -10.25
CA ASP A 126 -8.75 2.69 -10.94
C ASP A 126 -9.92 2.44 -10.01
N SER A 127 -9.85 1.33 -9.30
CA SER A 127 -10.90 0.97 -8.35
C SER A 127 -10.96 1.99 -7.20
N ILE A 128 -9.81 2.31 -6.63
CA ILE A 128 -9.74 3.26 -5.55
C ILE A 128 -10.41 4.56 -5.98
N LEU A 129 -10.03 5.05 -7.16
CA LEU A 129 -10.61 6.28 -7.67
C LEU A 129 -12.08 6.12 -7.95
N GLU A 130 -12.45 4.99 -8.53
CA GLU A 130 -13.86 4.76 -8.85
C GLU A 130 -14.66 4.67 -7.55
N LEU A 131 -14.01 4.16 -6.51
CA LEU A 131 -14.62 4.00 -5.19
C LEU A 131 -14.81 5.35 -4.49
N TYR A 132 -13.77 6.19 -4.54
CA TYR A 132 -13.80 7.51 -3.91
C TYR A 132 -14.92 8.36 -4.44
N ARG A 133 -14.99 8.48 -5.77
CA ARG A 133 -16.03 9.30 -6.34
C ARG A 133 -17.40 8.68 -6.08
N GLU A 134 -17.40 7.42 -5.64
CA GLU A 134 -18.64 6.73 -5.33
C GLU A 134 -19.09 7.21 -3.94
N VAL A 135 -18.13 7.25 -3.02
CA VAL A 135 -18.40 7.68 -1.65
C VAL A 135 -18.77 9.15 -1.62
N SER A 137 -20.10 10.88 -3.84
CA SER A 137 -21.40 11.04 -4.46
C SER A 137 -22.53 10.79 -3.44
N ASN A 138 -22.27 9.91 -2.48
CA ASN A 138 -23.27 9.59 -1.47
C ASN A 138 -23.00 10.32 -0.16
N ALA A 139 -22.54 11.56 -0.28
CA ALA A 139 -22.26 12.33 0.90
C ALA A 139 -23.43 13.21 1.28
N GLY A 140 -23.56 13.44 2.58
CA GLY A 140 -24.64 14.27 3.08
C GLY A 140 -24.27 15.74 3.06
N LEU A 141 -22.97 16.03 3.15
CA LEU A 141 -22.46 17.39 3.13
C LEU A 141 -22.14 17.76 1.69
N HIS A 142 -21.88 19.04 1.47
CA HIS A 142 -21.51 19.49 0.14
C HIS A 142 -20.02 19.16 0.04
N THR A 143 -19.54 18.83 -1.17
CA THR A 143 -18.12 18.51 -1.35
C THR A 143 -17.44 19.35 -2.42
N TYR A 144 -16.15 19.59 -2.22
CA TYR A 144 -15.34 20.37 -3.15
C TYR A 144 -14.18 19.52 -3.62
N SER A 145 -13.98 19.46 -4.93
CA SER A 145 -12.91 18.64 -5.50
C SER A 145 -12.01 19.40 -6.48
N TRP A 146 -10.73 19.10 -6.40
CA TRP A 146 -9.72 19.71 -7.26
C TRP A 146 -8.86 18.64 -7.92
N ASP A 147 -8.70 18.75 -9.23
CA ASP A 147 -7.87 17.84 -10.02
C ASP A 147 -6.41 18.27 -9.84
N THR A 148 -5.63 17.49 -9.09
CA THR A 148 -4.23 17.81 -8.84
C THR A 148 -3.41 17.63 -10.09
N GLY A 149 -4.08 17.34 -11.20
CA GLY A 149 -3.39 17.19 -12.46
C GLY A 149 -3.52 18.45 -13.26
N GLN A 150 -4.50 19.29 -12.94
CA GLN A 150 -4.72 20.53 -13.67
C GLN A 150 -4.33 21.79 -12.88
N TRP A 151 -4.51 21.76 -11.57
CA TRP A 151 -4.18 22.90 -10.72
C TRP A 151 -3.06 22.54 -9.76
N SER A 152 -2.20 23.50 -9.47
CA SER A 152 -1.09 23.26 -8.58
C SER A 152 -1.54 23.26 -7.13
N SER A 153 -0.67 22.75 -6.28
CA SER A 153 -0.92 22.67 -4.87
C SER A 153 -1.21 24.08 -4.33
N ASP A 154 -0.54 25.05 -4.93
CA ASP A 154 -0.68 26.44 -4.52
C ASP A 154 -2.00 27.08 -4.91
N GLU A 155 -2.40 26.89 -6.16
CA GLU A 155 -3.65 27.45 -6.64
C GLU A 155 -4.82 26.84 -5.86
N ILE A 156 -4.69 25.55 -5.52
CA ILE A 156 -5.72 24.84 -4.77
C ILE A 156 -5.83 25.41 -3.37
N ALA A 157 -4.71 25.50 -2.67
CA ALA A 157 -4.77 26.05 -1.32
C ALA A 157 -5.37 27.46 -1.37
N LYS A 158 -5.10 28.22 -2.42
CA LYS A 158 -5.67 29.57 -2.46
C LYS A 158 -7.18 29.51 -2.55
N ASP A 159 -7.70 28.66 -3.43
CA ASP A 159 -9.15 28.54 -3.58
C ASP A 159 -9.83 28.24 -2.24
N ILE A 160 -9.35 27.20 -1.56
CA ILE A 160 -9.91 26.81 -0.27
C ILE A 160 -9.79 27.96 0.76
N ILE A 161 -8.60 28.57 0.82
CA ILE A 161 -8.35 29.68 1.75
C ILE A 161 -9.38 30.78 1.56
N PHE A 162 -9.73 31.07 0.31
CA PHE A 162 -10.71 32.10 0.01
C PHE A 162 -12.08 31.67 0.51
N LEU A 163 -12.46 30.42 0.27
CA LEU A 163 -13.75 29.91 0.74
C LEU A 163 -13.89 29.99 2.25
N VAL A 164 -12.90 29.43 2.94
CA VAL A 164 -12.91 29.44 4.38
C VAL A 164 -13.14 30.84 4.93
N GLU A 165 -12.37 31.80 4.45
CA GLU A 165 -12.48 33.19 4.92
C GLU A 165 -13.79 33.85 4.47
N LEU A 166 -14.51 33.16 3.60
CA LEU A 166 -15.76 33.67 3.07
C LEU A 166 -16.95 33.00 3.78
N GLU A 167 -16.66 32.04 4.66
CA GLU A 167 -17.71 31.32 5.37
C GLU A 167 -18.62 32.20 6.21
N HIS A 168 -18.10 33.32 6.68
CA HIS A 168 -18.86 34.27 7.49
C HIS A 168 -20.19 34.63 6.82
N HIS A 169 -20.20 34.61 5.49
CA HIS A 169 -21.39 34.94 4.71
C HIS A 169 -22.19 33.70 4.32
N HIS A 170 -21.65 32.52 4.64
CA HIS A 170 -22.25 31.22 4.30
C HIS A 170 -23.23 30.63 5.32
N HIS A 171 -24.47 30.41 4.88
CA HIS A 171 -25.50 29.83 5.75
C HIS A 171 -25.92 28.44 5.26
N HIS A 172 -25.48 27.43 6.01
CA HIS A 172 -25.80 26.04 5.68
C HIS A 172 -27.24 25.71 6.06
N HIS A 173 -28.03 25.31 5.08
CA HIS A 173 -29.43 24.98 5.32
C HIS A 173 -29.86 23.62 4.77
N THR B 2 19.12 -22.41 -13.03
CA THR B 2 18.66 -22.12 -11.64
C THR B 2 17.49 -21.15 -11.69
N LEU B 3 16.52 -21.38 -10.80
CA LEU B 3 15.36 -20.51 -10.71
C LEU B 3 15.52 -19.71 -9.43
N ILE B 4 15.92 -18.45 -9.58
CA ILE B 4 16.14 -17.57 -8.45
C ILE B 4 14.82 -16.92 -8.06
N ILE B 5 14.45 -17.06 -6.79
CA ILE B 5 13.20 -16.47 -6.33
C ILE B 5 13.45 -15.40 -5.31
N LEU B 6 12.87 -14.21 -5.53
CA LEU B 6 13.10 -13.11 -4.59
C LEU B 6 11.87 -12.75 -3.76
N GLU B 7 12.04 -12.75 -2.45
CA GLU B 7 10.93 -12.43 -1.54
C GLU B 7 11.33 -11.40 -0.49
N GLY B 8 10.33 -10.67 -0.01
CA GLY B 8 10.57 -9.67 1.00
C GLY B 8 9.64 -8.49 0.81
N PRO B 9 9.66 -7.55 1.76
CA PRO B 9 8.83 -6.34 1.78
C PRO B 9 9.47 -5.25 0.93
N ASP B 10 8.69 -4.22 0.60
CA ASP B 10 9.15 -3.07 -0.19
C ASP B 10 10.36 -2.40 0.46
N CYS B 11 10.98 -1.51 -0.30
CA CYS B 11 12.12 -0.75 0.18
C CYS B 11 13.30 -1.57 0.60
N CYS B 12 13.49 -2.71 -0.06
CA CYS B 12 14.64 -3.53 0.29
C CYS B 12 15.51 -3.79 -0.94
N PHE B 13 15.33 -2.98 -1.98
CA PHE B 13 16.12 -3.08 -3.21
C PHE B 13 15.94 -4.42 -3.95
N LYS B 14 14.76 -4.98 -3.84
CA LYS B 14 14.44 -6.24 -4.49
C LYS B 14 14.61 -6.05 -6.00
N SER B 15 14.06 -4.96 -6.53
CA SER B 15 14.15 -4.67 -7.96
C SER B 15 15.59 -4.35 -8.37
N THR B 16 16.35 -3.72 -7.49
CA THR B 16 17.71 -3.42 -7.88
C THR B 16 18.51 -4.70 -7.95
N VAL B 17 18.47 -5.49 -6.88
CA VAL B 17 19.18 -6.77 -6.85
C VAL B 17 18.75 -7.62 -8.05
N ALA B 18 17.48 -7.54 -8.40
CA ALA B 18 16.99 -8.31 -9.55
C ALA B 18 17.74 -7.90 -10.81
N ALA B 19 17.81 -6.59 -11.05
CA ALA B 19 18.49 -6.04 -12.23
C ALA B 19 19.95 -6.51 -12.34
N LYS B 20 20.67 -6.46 -11.23
CA LYS B 20 22.06 -6.87 -11.20
C LYS B 20 22.20 -8.35 -11.48
N LEU B 21 21.31 -9.16 -10.91
CA LEU B 21 21.39 -10.60 -11.14
C LEU B 21 21.12 -10.92 -12.60
N SER B 22 20.18 -10.20 -13.20
CA SER B 22 19.83 -10.40 -14.59
C SER B 22 20.97 -10.05 -15.53
N LYS B 23 21.56 -8.88 -15.31
CA LYS B 23 22.66 -8.41 -16.14
C LYS B 23 23.83 -9.38 -16.03
N GLU B 24 24.08 -9.87 -14.81
CA GLU B 24 25.19 -10.78 -14.58
C GLU B 24 24.95 -12.23 -15.00
N LEU B 25 23.96 -12.86 -14.38
CA LEU B 25 23.67 -14.26 -14.68
C LEU B 25 22.97 -14.44 -16.02
N LYS B 26 22.53 -13.35 -16.63
CA LYS B 26 21.84 -13.48 -17.90
C LYS B 26 20.54 -14.30 -17.72
N TYR B 27 19.71 -13.88 -16.77
CA TYR B 27 18.42 -14.54 -16.53
C TYR B 27 17.36 -13.46 -16.69
N PRO B 28 16.26 -13.79 -17.37
CA PRO B 28 15.17 -12.85 -17.57
C PRO B 28 14.52 -12.58 -16.20
N ILE B 29 13.64 -11.57 -16.11
CA ILE B 29 12.99 -11.27 -14.85
C ILE B 29 11.47 -11.37 -14.99
N ILE B 30 10.84 -12.01 -14.01
CA ILE B 30 9.39 -12.19 -14.00
C ILE B 30 8.83 -11.87 -12.60
N LYS B 31 7.69 -11.18 -12.56
CA LYS B 31 7.02 -10.79 -11.33
C LYS B 31 5.96 -11.80 -11.01
N GLY B 32 6.20 -12.61 -9.99
CA GLY B 32 5.24 -13.63 -9.60
C GLY B 32 3.90 -13.09 -9.15
N SER B 33 3.91 -12.43 -8.00
CA SER B 33 2.69 -11.85 -7.42
C SER B 33 1.77 -11.28 -8.49
N SER B 34 0.50 -11.68 -8.43
CA SER B 34 -0.52 -11.22 -9.36
C SER B 34 -1.77 -10.77 -8.60
N PHE B 35 -1.83 -9.49 -8.26
CA PHE B 35 -2.96 -8.93 -7.52
C PHE B 35 -4.25 -9.25 -8.24
N GLU B 36 -4.23 -9.11 -9.56
CA GLU B 36 -5.41 -9.41 -10.39
C GLU B 36 -5.87 -10.87 -10.19
N LEU B 37 -4.98 -11.80 -10.52
CA LEU B 37 -5.26 -13.24 -10.40
C LEU B 37 -5.46 -13.71 -8.97
N ALA B 38 -4.80 -13.06 -8.02
CA ALA B 38 -4.96 -13.44 -6.62
C ALA B 38 -6.37 -13.09 -6.13
N LYS B 39 -7.16 -12.48 -7.00
CA LYS B 39 -8.52 -12.11 -6.66
C LYS B 39 -9.51 -13.07 -7.30
N SER B 40 -9.38 -13.24 -8.60
CA SER B 40 -10.25 -14.12 -9.36
C SER B 40 -10.61 -15.40 -8.59
N GLY B 41 -9.61 -16.25 -8.35
CA GLY B 41 -9.87 -17.48 -7.63
C GLY B 41 -8.62 -18.26 -7.26
N ASN B 42 -8.76 -19.20 -6.33
CA ASN B 42 -7.62 -19.99 -5.89
C ASN B 42 -7.09 -20.91 -6.99
N GLU B 43 -7.98 -21.39 -7.85
CA GLU B 43 -7.59 -22.27 -8.94
C GLU B 43 -6.70 -21.54 -9.94
N LYS B 44 -7.22 -20.49 -10.57
CA LYS B 44 -6.43 -19.74 -11.54
C LYS B 44 -5.14 -19.18 -10.93
N LEU B 45 -5.11 -19.06 -9.60
CA LEU B 45 -3.94 -18.56 -8.88
C LEU B 45 -2.86 -19.65 -8.80
N PHE B 46 -3.31 -20.86 -8.50
CA PHE B 46 -2.41 -22.00 -8.39
C PHE B 46 -1.87 -22.33 -9.77
N GLU B 47 -2.76 -22.30 -10.76
CA GLU B 47 -2.34 -22.59 -12.11
C GLU B 47 -1.20 -21.64 -12.44
N HIS B 48 -1.43 -20.36 -12.17
CA HIS B 48 -0.44 -19.33 -12.43
C HIS B 48 0.95 -19.72 -11.90
N PHE B 49 1.06 -19.83 -10.58
CA PHE B 49 2.35 -20.19 -9.98
C PHE B 49 2.91 -21.50 -10.54
N ASN B 50 2.03 -22.37 -11.01
CA ASN B 50 2.51 -23.64 -11.56
C ASN B 50 3.23 -23.40 -12.88
N LYS B 51 2.68 -22.52 -13.71
CA LYS B 51 3.29 -22.18 -14.98
C LYS B 51 4.68 -21.62 -14.72
N LEU B 52 4.81 -20.79 -13.69
CA LEU B 52 6.12 -20.23 -13.40
C LEU B 52 7.06 -21.30 -12.88
N ALA B 53 6.51 -22.29 -12.17
CA ALA B 53 7.34 -23.36 -11.61
C ALA B 53 8.09 -24.16 -12.67
N ASP B 54 7.63 -24.08 -13.92
CA ASP B 54 8.28 -24.81 -15.00
C ASP B 54 9.47 -24.03 -15.56
N GLU B 55 9.39 -22.70 -15.55
CA GLU B 55 10.49 -21.88 -16.06
C GLU B 55 11.78 -22.13 -15.28
N ASP B 56 12.91 -21.82 -15.88
CA ASP B 56 14.20 -22.00 -15.21
C ASP B 56 15.17 -21.00 -15.83
N ASN B 57 16.25 -20.73 -15.12
CA ASN B 57 17.26 -19.77 -15.57
C ASN B 57 16.66 -18.34 -15.65
N VAL B 58 15.88 -18.01 -14.64
CA VAL B 58 15.25 -16.70 -14.54
C VAL B 58 15.07 -16.32 -13.08
N ILE B 59 14.77 -15.04 -12.88
CA ILE B 59 14.58 -14.47 -11.56
C ILE B 59 13.11 -14.10 -11.41
N ILE B 60 12.50 -14.54 -10.32
CA ILE B 60 11.10 -14.22 -10.05
C ILE B 60 11.07 -13.26 -8.87
N ASP B 61 10.48 -12.11 -9.14
CA ASP B 61 10.35 -11.05 -8.14
C ASP B 61 9.00 -11.30 -7.48
N ARG B 62 9.05 -11.91 -6.29
CA ARG B 62 7.89 -12.31 -5.48
C ARG B 62 7.19 -13.55 -6.04
N PHE B 63 7.17 -14.62 -5.25
CA PHE B 63 6.56 -15.87 -5.67
C PHE B 63 5.46 -16.27 -4.71
N VAL B 64 5.28 -17.58 -4.52
CA VAL B 64 4.24 -18.07 -3.62
C VAL B 64 4.35 -17.54 -2.18
N TYR B 65 5.56 -17.52 -1.65
CA TYR B 65 5.74 -17.05 -0.29
C TYR B 65 5.18 -15.65 -0.10
N SER B 66 5.30 -14.80 -1.11
CA SER B 66 4.77 -13.45 -1.02
C SER B 66 3.25 -13.50 -0.92
N ASN B 67 2.62 -14.34 -1.74
CA ASN B 67 1.18 -14.48 -1.73
C ASN B 67 0.72 -14.98 -0.37
N LEU B 68 1.49 -15.91 0.18
CA LEU B 68 1.17 -16.48 1.48
C LEU B 68 1.33 -15.45 2.59
N VAL B 69 1.52 -14.19 2.21
CA VAL B 69 1.71 -13.11 3.16
C VAL B 69 0.70 -12.01 2.88
N TYR B 70 0.77 -11.44 1.68
CA TYR B 70 -0.14 -10.38 1.34
C TYR B 70 -1.60 -10.83 1.31
N ALA B 71 -1.83 -12.14 1.38
CA ALA B 71 -3.20 -12.65 1.35
C ALA B 71 -3.90 -12.38 2.69
N LYS B 72 -3.12 -12.38 3.77
CA LYS B 72 -3.64 -12.13 5.10
C LYS B 72 -3.76 -10.64 5.32
N LYS B 73 -3.94 -9.88 4.25
CA LYS B 73 -4.04 -8.43 4.40
C LYS B 73 -5.10 -7.79 3.52
N PHE B 74 -5.27 -8.32 2.31
CA PHE B 74 -6.25 -7.78 1.38
C PHE B 74 -7.49 -8.65 1.26
N LYS B 75 -8.65 -8.00 1.22
CA LYS B 75 -9.92 -8.70 1.08
C LYS B 75 -10.00 -9.31 -0.32
N ASP B 76 -10.75 -10.41 -0.45
CA ASP B 76 -10.91 -11.06 -1.74
C ASP B 76 -9.54 -11.35 -2.35
N TYR B 77 -8.72 -12.06 -1.59
CA TYR B 77 -7.37 -12.41 -2.02
C TYR B 77 -7.12 -13.89 -1.74
N SER B 78 -6.93 -14.67 -2.80
CA SER B 78 -6.70 -16.10 -2.65
C SER B 78 -5.33 -16.43 -2.09
N ILE B 79 -5.22 -17.63 -1.51
CA ILE B 79 -3.98 -18.09 -0.93
C ILE B 79 -3.78 -19.54 -1.38
N LEU B 80 -2.51 -19.97 -1.42
CA LEU B 80 -2.23 -21.35 -1.80
C LEU B 80 -2.40 -22.21 -0.56
N THR B 81 -2.93 -23.41 -0.76
CA THR B 81 -3.14 -24.36 0.31
C THR B 81 -1.80 -25.03 0.59
N GLU B 82 -1.63 -25.57 1.78
CA GLU B 82 -0.36 -26.22 2.12
C GLU B 82 0.03 -27.30 1.11
N ARG B 83 -0.95 -28.06 0.65
CA ARG B 83 -0.69 -29.12 -0.33
C ARG B 83 -0.22 -28.48 -1.64
N GLN B 84 -0.88 -27.40 -2.04
CA GLN B 84 -0.52 -26.71 -3.28
C GLN B 84 0.88 -26.10 -3.20
N LEU B 85 1.28 -25.71 -2.00
CA LEU B 85 2.58 -25.13 -1.84
C LEU B 85 3.64 -26.21 -2.01
N ARG B 86 3.53 -27.25 -1.20
CA ARG B 86 4.47 -28.38 -1.22
C ARG B 86 4.56 -28.97 -2.64
N PHE B 87 3.47 -28.85 -3.37
CA PHE B 87 3.44 -29.35 -4.73
C PHE B 87 4.41 -28.53 -5.57
N ILE B 88 4.28 -27.20 -5.47
CA ILE B 88 5.14 -26.28 -6.21
C ILE B 88 6.58 -26.36 -5.73
N GLU B 89 6.78 -26.43 -4.41
CA GLU B 89 8.15 -26.52 -3.90
C GLU B 89 8.82 -27.81 -4.41
N ASP B 90 8.03 -28.86 -4.57
CA ASP B 90 8.53 -30.14 -5.07
C ASP B 90 9.04 -30.00 -6.49
N LYS B 91 8.25 -29.31 -7.32
CA LYS B 91 8.61 -29.12 -8.72
C LYS B 91 9.83 -28.22 -8.92
N ILE B 92 10.20 -27.48 -7.87
CA ILE B 92 11.32 -26.55 -7.97
C ILE B 92 12.45 -26.85 -6.98
N LYS B 93 12.22 -27.80 -6.08
CA LYS B 93 13.22 -28.17 -5.07
C LYS B 93 14.64 -28.32 -5.58
N ALA B 94 14.80 -28.77 -6.82
CA ALA B 94 16.13 -28.99 -7.35
C ALA B 94 16.74 -27.80 -8.07
N LYS B 95 15.89 -26.90 -8.56
CA LYS B 95 16.33 -25.75 -9.31
C LYS B 95 15.96 -24.44 -8.65
N ALA B 96 15.79 -24.42 -7.33
CA ALA B 96 15.37 -23.19 -6.69
C ALA B 96 16.29 -22.60 -5.66
N LYS B 97 16.42 -21.28 -5.71
CA LYS B 97 17.22 -20.51 -4.74
C LYS B 97 16.22 -19.47 -4.24
N VAL B 98 15.74 -19.68 -3.03
CA VAL B 98 14.78 -18.78 -2.43
C VAL B 98 15.52 -17.71 -1.68
N VAL B 99 15.32 -16.47 -2.14
CA VAL B 99 16.01 -15.35 -1.54
C VAL B 99 15.05 -14.43 -0.81
N TYR B 100 15.43 -14.11 0.41
CA TYR B 100 14.64 -13.23 1.25
C TYR B 100 15.44 -11.99 1.63
N LEU B 101 15.04 -10.87 1.05
CA LEU B 101 15.67 -9.58 1.33
C LEU B 101 14.77 -8.81 2.28
N HIS B 102 15.31 -8.41 3.42
CA HIS B 102 14.54 -7.69 4.43
C HIS B 102 15.38 -6.58 5.07
N ALA B 103 14.88 -6.02 6.17
CA ALA B 103 15.55 -4.96 6.95
C ALA B 103 14.76 -4.76 8.22
N ASP B 104 15.36 -4.06 9.20
CA ASP B 104 14.67 -3.79 10.45
C ASP B 104 13.47 -2.89 10.21
N PRO B 105 12.41 -3.04 11.03
CA PRO B 105 11.17 -2.26 10.93
C PRO B 105 11.45 -0.76 10.95
N SER B 106 12.34 -0.37 11.85
CA SER B 106 12.73 1.03 11.97
C SER B 106 13.33 1.50 10.66
N VAL B 107 14.26 0.73 10.12
CA VAL B 107 14.87 1.10 8.84
C VAL B 107 13.84 1.18 7.72
N ILE B 108 12.92 0.22 7.65
CA ILE B 108 11.95 0.26 6.57
C ILE B 108 11.03 1.46 6.64
N LYS B 109 10.57 1.81 7.84
CA LYS B 109 9.69 2.98 7.97
C LYS B 109 10.48 4.23 7.56
N LYS B 110 11.74 4.28 7.96
CA LYS B 110 12.59 5.40 7.61
C LYS B 110 12.65 5.51 6.07
N ARG B 111 12.89 4.40 5.37
CA ARG B 111 12.97 4.44 3.89
C ARG B 111 11.62 4.81 3.29
N LEU B 112 10.56 4.39 3.96
CA LEU B 112 9.20 4.67 3.51
C LEU B 112 8.97 6.16 3.64
N ARG B 113 9.36 6.70 4.80
CA ARG B 113 9.18 8.14 5.01
C ARG B 113 9.99 8.90 3.97
N VAL B 114 11.21 8.44 3.73
CA VAL B 114 12.06 9.08 2.75
C VAL B 114 11.42 9.08 1.36
N ARG B 115 10.66 8.05 1.05
CA ARG B 115 10.01 7.95 -0.25
C ARG B 115 8.75 8.80 -0.31
N GLY B 116 8.15 9.09 0.85
CA GLY B 116 6.98 9.93 0.88
C GLY B 116 5.59 9.31 0.94
N ASP B 117 5.44 8.22 1.68
CA ASP B 117 4.14 7.57 1.79
C ASP B 117 3.20 8.36 2.68
N GLU B 118 1.90 8.26 2.41
CA GLU B 118 0.89 8.95 3.20
C GLU B 118 0.00 7.98 3.97
N TYR B 119 -0.08 6.74 3.47
CA TYR B 119 -0.89 5.68 4.08
C TYR B 119 -0.02 4.90 5.08
N ILE B 120 1.27 5.21 5.10
CA ILE B 120 2.25 4.57 5.97
C ILE B 120 1.65 4.32 7.36
N GLU B 121 1.22 3.08 7.59
CA GLU B 121 0.62 2.74 8.88
C GLU B 121 1.51 3.20 10.03
N GLY B 122 2.57 2.42 10.28
CA GLY B 122 3.52 2.72 11.36
C GLY B 122 3.84 1.50 12.21
N LYS B 123 3.06 0.44 12.04
CA LYS B 123 3.25 -0.80 12.80
C LYS B 123 2.87 -1.98 11.91
N ASP B 124 2.08 -1.71 10.88
CA ASP B 124 1.67 -2.77 9.97
C ASP B 124 2.91 -3.43 9.35
N ILE B 125 3.97 -2.64 9.24
CA ILE B 125 5.22 -3.13 8.70
C ILE B 125 5.71 -4.25 9.62
N ASP B 126 5.65 -3.98 10.92
CA ASP B 126 6.09 -4.95 11.92
C ASP B 126 5.40 -6.28 11.66
N SER B 127 4.09 -6.21 11.42
CA SER B 127 3.32 -7.41 11.14
C SER B 127 3.78 -8.08 9.84
N ILE B 128 3.95 -7.28 8.79
CA ILE B 128 4.40 -7.81 7.51
C ILE B 128 5.71 -8.54 7.71
N LEU B 129 6.64 -7.91 8.41
CA LEU B 129 7.93 -8.55 8.67
C LEU B 129 7.78 -9.77 9.54
N GLU B 130 6.95 -9.67 10.56
CA GLU B 130 6.76 -10.79 11.47
C GLU B 130 6.10 -11.94 10.69
N LEU B 131 5.25 -11.58 9.74
CA LEU B 131 4.55 -12.55 8.91
C LEU B 131 5.48 -13.25 7.91
N TYR B 132 6.36 -12.48 7.28
CA TYR B 132 7.31 -13.01 6.30
C TYR B 132 8.21 -14.05 6.92
N ARG B 133 8.84 -13.70 8.03
CA ARG B 133 9.74 -14.65 8.65
C ARG B 133 8.96 -15.84 9.19
N GLU B 134 7.64 -15.70 9.24
CA GLU B 134 6.78 -16.79 9.70
C GLU B 134 6.64 -17.76 8.52
N VAL B 135 6.38 -17.22 7.35
CA VAL B 135 6.21 -18.02 6.15
C VAL B 135 7.52 -18.69 5.76
N SER B 137 9.88 -19.55 7.60
CA SER B 137 10.16 -20.58 8.60
C SER B 137 9.45 -21.89 8.26
N ASN B 138 8.28 -21.79 7.64
CA ASN B 138 7.50 -22.97 7.28
C ASN B 138 7.67 -23.31 5.82
N ALA B 139 8.89 -23.15 5.32
CA ALA B 139 9.16 -23.45 3.92
C ALA B 139 9.72 -24.84 3.77
N GLY B 140 9.40 -25.46 2.64
CA GLY B 140 9.87 -26.80 2.34
C GLY B 140 11.26 -26.79 1.72
N LEU B 141 11.59 -25.68 1.06
CA LEU B 141 12.88 -25.52 0.41
C LEU B 141 13.82 -24.83 1.38
N HIS B 142 15.10 -24.81 1.03
CA HIS B 142 16.06 -24.12 1.87
C HIS B 142 15.91 -22.64 1.47
N THR B 143 16.13 -21.73 2.42
CA THR B 143 16.01 -20.30 2.13
C THR B 143 17.28 -19.50 2.48
N TYR B 144 17.52 -18.45 1.71
CA TYR B 144 18.67 -17.57 1.93
C TYR B 144 18.14 -16.16 2.17
N SER B 145 18.64 -15.51 3.20
CA SER B 145 18.19 -14.16 3.54
C SER B 145 19.34 -13.19 3.77
N TRP B 146 19.13 -11.97 3.30
CA TRP B 146 20.12 -10.89 3.44
C TRP B 146 19.47 -9.65 4.01
N ASP B 147 20.12 -9.09 5.02
CA ASP B 147 19.65 -7.87 5.68
C ASP B 147 20.08 -6.67 4.81
N THR B 148 19.12 -6.05 4.11
CA THR B 148 19.41 -4.91 3.24
C THR B 148 19.82 -3.69 4.04
N GLY B 149 19.96 -3.87 5.34
CA GLY B 149 20.37 -2.77 6.18
C GLY B 149 21.84 -2.92 6.50
N GLN B 150 22.39 -4.12 6.33
CA GLN B 150 23.80 -4.34 6.63
C GLN B 150 24.67 -4.53 5.37
N TRP B 151 24.10 -5.13 4.33
CA TRP B 151 24.83 -5.37 3.10
C TRP B 151 24.21 -4.59 1.97
N SER B 152 25.04 -4.10 1.06
CA SER B 152 24.55 -3.34 -0.08
C SER B 152 23.94 -4.24 -1.13
N SER B 153 23.19 -3.62 -2.03
CA SER B 153 22.55 -4.32 -3.11
C SER B 153 23.60 -5.07 -3.94
N ASP B 154 24.79 -4.48 -4.00
CA ASP B 154 25.88 -5.05 -4.77
C ASP B 154 26.51 -6.28 -4.13
N GLU B 155 26.83 -6.17 -2.84
CA GLU B 155 27.42 -7.28 -2.13
C GLU B 155 26.45 -8.47 -2.11
N ILE B 156 25.15 -8.20 -2.03
CA ILE B 156 24.13 -9.22 -2.01
C ILE B 156 24.09 -9.92 -3.36
N ALA B 157 23.97 -9.16 -4.43
CA ALA B 157 23.95 -9.79 -5.75
C ALA B 157 25.20 -10.64 -5.95
N LYS B 158 26.34 -10.20 -5.42
CA LYS B 158 27.53 -11.02 -5.61
C LYS B 158 27.39 -12.36 -4.92
N ASP B 159 26.95 -12.35 -3.67
CA ASP B 159 26.78 -13.59 -2.92
C ASP B 159 25.90 -14.59 -3.68
N ILE B 160 24.72 -14.16 -4.11
CA ILE B 160 23.82 -15.02 -4.86
C ILE B 160 24.45 -15.50 -6.17
N ILE B 161 25.10 -14.59 -6.89
CA ILE B 161 25.75 -14.91 -8.16
C ILE B 161 26.75 -16.05 -7.98
N PHE B 162 27.50 -16.00 -6.87
CA PHE B 162 28.48 -17.02 -6.56
C PHE B 162 27.78 -18.36 -6.31
N LEU B 163 26.69 -18.34 -5.54
CA LEU B 163 25.96 -19.57 -5.24
C LEU B 163 25.41 -20.20 -6.50
N VAL B 164 24.71 -19.41 -7.29
CA VAL B 164 24.14 -19.90 -8.52
C VAL B 164 25.17 -20.62 -9.38
N GLU B 165 26.31 -19.98 -9.59
CA GLU B 165 27.38 -20.55 -10.42
C GLU B 165 28.06 -21.74 -9.75
N LEU B 166 27.72 -21.94 -8.48
CA LEU B 166 28.30 -23.02 -7.70
C LEU B 166 27.32 -24.21 -7.61
N GLU B 167 26.12 -24.04 -8.14
CA GLU B 167 25.09 -25.07 -8.10
C GLU B 167 25.49 -26.39 -8.76
N HIS B 168 26.37 -26.30 -9.73
CA HIS B 168 26.86 -27.48 -10.44
C HIS B 168 27.35 -28.56 -9.47
N HIS B 169 27.86 -28.12 -8.32
CA HIS B 169 28.38 -29.01 -7.29
C HIS B 169 27.34 -29.34 -6.21
N HIS B 170 26.17 -28.70 -6.31
CA HIS B 170 25.07 -28.85 -5.34
C HIS B 170 24.06 -29.95 -5.64
N HIS B 171 23.92 -30.87 -4.69
CA HIS B 171 22.97 -31.98 -4.82
C HIS B 171 21.86 -31.87 -3.78
N HIS B 172 20.67 -31.52 -4.24
CA HIS B 172 19.51 -31.38 -3.38
C HIS B 172 18.95 -32.75 -3.01
N HIS B 173 18.91 -33.05 -1.72
CA HIS B 173 18.41 -34.33 -1.26
C HIS B 173 17.34 -34.24 -0.17
#